data_8QAC
#
_entry.id   8QAC
#
_cell.length_a   71.271
_cell.length_b   45.873
_cell.length_c   72.880
_cell.angle_alpha   90.000
_cell.angle_beta   103.943
_cell.angle_gamma   90.000
#
_symmetry.space_group_name_H-M   'P 1 21 1'
#
loop_
_entity.id
_entity.type
_entity.pdbx_description
1 polymer 'antiparallel 8-helix bundle-GLIA'
2 water water
#
_entity_poly.entity_id   1
_entity_poly.type   'polypeptide(L)'
_entity_poly.pdbx_seq_one_letter_code
;(ACE)GGLEEIAQGLEEIAKGLKKIAWGLKKIAQGG(NH2)
;
_entity_poly.pdbx_strand_id   B,C,D,E,F,G,H,I,J,K,L,N,O,P,R,M
#
loop_
_chem_comp.id
_chem_comp.type
_chem_comp.name
_chem_comp.formula
ACE non-polymer 'ACETYL GROUP' 'C2 H4 O'
NH2 non-polymer 'AMINO GROUP' 'H2 N'
#
# COMPACT_ATOMS: atom_id res chain seq x y z
C GLY A 2 -16.07 8.31 -8.75
N GLY A 3 -16.81 7.29 -9.20
CA GLY A 3 -17.15 6.18 -8.31
C GLY A 3 -15.96 5.30 -7.99
N LEU A 4 -14.99 5.23 -8.89
CA LEU A 4 -13.82 4.39 -8.64
C LEU A 4 -13.00 4.92 -7.47
N GLU A 5 -12.87 6.24 -7.37
CA GLU A 5 -12.13 6.82 -6.24
C GLU A 5 -12.76 6.43 -4.91
N GLU A 6 -14.09 6.51 -4.83
CA GLU A 6 -14.77 6.11 -3.59
C GLU A 6 -14.46 4.66 -3.24
N ILE A 7 -14.59 3.76 -4.23
CA ILE A 7 -14.32 2.35 -3.98
C ILE A 7 -12.88 2.17 -3.49
N ALA A 8 -11.93 2.81 -4.18
CA ALA A 8 -10.53 2.73 -3.76
C ALA A 8 -10.38 3.18 -2.30
N GLN A 9 -10.96 4.34 -1.96
CA GLN A 9 -10.90 4.80 -0.58
C GLN A 9 -11.53 3.79 0.37
N GLY A 10 -12.66 3.19 -0.04
CA GLY A 10 -13.30 2.20 0.80
C GLY A 10 -12.42 0.99 1.03
N LEU A 11 -11.75 0.51 -0.03
CA LEU A 11 -10.83 -0.62 0.14
C LEU A 11 -9.69 -0.25 1.07
N GLU A 12 -9.12 0.95 0.91
CA GLU A 12 -8.07 1.39 1.82
C GLU A 12 -8.55 1.40 3.25
N GLU A 13 -9.80 1.82 3.47
CA GLU A 13 -10.34 1.87 4.82
C GLU A 13 -10.53 0.47 5.40
N ILE A 14 -10.99 -0.48 4.57
CA ILE A 14 -11.11 -1.86 5.03
C ILE A 14 -9.73 -2.43 5.33
N ALA A 15 -8.73 -2.09 4.53
CA ALA A 15 -7.38 -2.57 4.77
C ALA A 15 -6.89 -2.16 6.16
N LYS A 16 -7.11 -0.89 6.52
CA LYS A 16 -6.68 -0.43 7.84
C LYS A 16 -7.45 -1.14 8.95
N GLY A 17 -8.75 -1.34 8.75
CA GLY A 17 -9.52 -2.10 9.73
C GLY A 17 -9.01 -3.52 9.89
N LEU A 18 -8.65 -4.16 8.78
CA LEU A 18 -8.08 -5.51 8.85
C LEU A 18 -6.76 -5.51 9.61
N LYS A 19 -5.93 -4.47 9.39
CA LYS A 19 -4.69 -4.36 10.14
C LYS A 19 -4.96 -4.20 11.64
N LYS A 20 -5.98 -3.42 11.98
CA LYS A 20 -6.32 -3.27 13.40
C LYS A 20 -6.84 -4.56 13.99
N ILE A 21 -7.69 -5.29 13.24
CA ILE A 21 -8.13 -6.60 13.69
C ILE A 21 -6.94 -7.53 13.86
N ALA A 22 -6.03 -7.53 12.89
CA ALA A 22 -4.85 -8.39 12.97
C ALA A 22 -4.06 -8.12 14.26
N TRP A 23 -3.74 -6.85 14.51
CA TRP A 23 -3.05 -6.50 15.75
C TRP A 23 -3.77 -7.07 16.96
N GLY A 24 -5.11 -7.05 16.95
CA GLY A 24 -5.86 -7.58 18.07
C GLY A 24 -5.69 -9.07 18.25
N LEU A 25 -5.70 -9.82 17.15
CA LEU A 25 -5.51 -11.27 17.24
C LEU A 25 -4.13 -11.59 17.79
N LYS A 26 -3.11 -10.87 17.35
CA LYS A 26 -1.76 -11.09 17.87
C LYS A 26 -1.69 -10.81 19.35
N LYS A 27 -2.47 -9.85 19.85
CA LYS A 27 -2.50 -9.59 21.28
C LYS A 27 -3.16 -10.73 22.04
N ILE A 28 -4.27 -11.25 21.53
CA ILE A 28 -4.90 -12.40 22.17
C ILE A 28 -3.99 -13.62 22.10
N ALA A 29 -3.34 -13.82 20.95
CA ALA A 29 -2.40 -14.94 20.84
C ALA A 29 -1.35 -14.90 21.93
N GLN A 30 -0.80 -13.71 22.21
CA GLN A 30 0.21 -13.56 23.24
C GLN A 30 -0.27 -14.03 24.60
N GLY A 31 -1.58 -14.02 24.85
CA GLY A 31 -2.12 -14.43 26.14
C GLY A 31 -1.74 -15.84 26.53
N GLY B 2 14.40 19.41 -0.15
CA GLY B 2 13.13 19.52 0.63
C GLY B 2 13.33 19.28 2.11
N GLY B 3 14.03 20.21 2.77
CA GLY B 3 14.28 20.06 4.20
C GLY B 3 13.04 20.27 5.03
N LEU B 4 12.28 21.32 4.73
CA LEU B 4 11.07 21.60 5.48
C LEU B 4 10.06 20.47 5.34
N GLU B 5 9.92 19.93 4.13
CA GLU B 5 9.00 18.82 3.91
C GLU B 5 9.40 17.59 4.73
N GLU B 6 10.71 17.37 4.88
CA GLU B 6 11.16 16.23 5.68
C GLU B 6 10.95 16.48 7.16
N ILE B 7 11.17 17.72 7.62
CA ILE B 7 10.89 18.04 9.02
C ILE B 7 9.41 17.84 9.31
N ALA B 8 8.55 18.29 8.40
CA ALA B 8 7.11 18.10 8.60
C ALA B 8 6.76 16.62 8.67
N GLN B 9 7.35 15.80 7.80
CA GLN B 9 7.10 14.36 7.87
C GLN B 9 7.58 13.78 9.18
N GLY B 10 8.78 14.16 9.61
CA GLY B 10 9.30 13.66 10.88
C GLY B 10 8.43 14.03 12.06
N LEU B 11 7.88 15.24 12.04
CA LEU B 11 6.94 15.64 13.10
C LEU B 11 5.65 14.84 13.01
N GLU B 12 5.18 14.57 11.80
CA GLU B 12 4.01 13.73 11.63
C GLU B 12 4.23 12.34 12.21
N GLU B 13 5.41 11.76 11.96
CA GLU B 13 5.72 10.45 12.51
C GLU B 13 5.74 10.47 14.04
N ILE B 14 6.37 11.51 14.61
CA ILE B 14 6.42 11.61 16.06
C ILE B 14 5.02 11.76 16.64
N ALA B 15 4.13 12.44 15.93
CA ALA B 15 2.75 12.53 16.37
C ALA B 15 2.11 11.15 16.44
N LYS B 16 2.26 10.36 15.38
CA LYS B 16 1.75 8.99 15.39
C LYS B 16 2.31 8.21 16.57
N GLY B 17 3.63 8.33 16.81
CA GLY B 17 4.23 7.61 17.92
C GLY B 17 3.68 8.05 19.26
N LEU B 18 3.50 9.35 19.45
CA LEU B 18 2.96 9.84 20.72
C LEU B 18 1.55 9.31 20.95
N LYS B 19 0.73 9.25 19.90
CA LYS B 19 -0.61 8.70 20.02
C LYS B 19 -0.57 7.26 20.51
N LYS B 20 0.38 6.47 20.01
CA LYS B 20 0.47 5.08 20.42
C LYS B 20 0.90 4.96 21.87
N ILE B 21 1.80 5.84 22.32
CA ILE B 21 2.23 5.81 23.71
C ILE B 21 1.08 6.23 24.64
N ALA B 22 0.27 7.19 24.20
CA ALA B 22 -0.90 7.57 24.97
C ALA B 22 -1.86 6.41 25.13
N TRP B 23 -2.12 5.67 24.04
CA TRP B 23 -3.01 4.52 24.12
C TRP B 23 -2.46 3.47 25.08
N GLY B 24 -1.15 3.22 25.02
CA GLY B 24 -0.55 2.23 25.90
C GLY B 24 -0.64 2.64 27.36
N LEU B 25 -0.42 3.92 27.65
CA LEU B 25 -0.47 4.38 29.03
C LEU B 25 -1.89 4.29 29.58
N LYS B 26 -2.90 4.58 28.74
CA LYS B 26 -4.28 4.45 29.19
C LYS B 26 -4.59 3.00 29.56
N LYS B 27 -4.05 2.04 28.81
CA LYS B 27 -4.27 0.64 29.14
C LYS B 27 -3.65 0.30 30.49
N ILE B 28 -2.48 0.86 30.77
CA ILE B 28 -1.84 0.60 32.06
C ILE B 28 -2.56 1.33 33.17
N ALA B 29 -3.01 2.57 32.91
CA ALA B 29 -3.81 3.30 33.89
C ALA B 29 -4.96 2.45 34.40
N GLN B 30 -5.75 1.88 33.48
CA GLN B 30 -6.86 1.03 33.88
C GLN B 30 -6.38 -0.30 34.44
N GLY B 31 -5.21 -0.76 34.01
CA GLY B 31 -4.67 -2.03 34.48
C GLY B 31 -5.45 -3.22 33.95
N GLY C 3 -3.64 9.87 37.04
CA GLY C 3 -2.34 10.43 36.72
C GLY C 3 -1.90 10.08 35.31
N LEU C 4 -1.88 8.78 35.00
CA LEU C 4 -1.49 8.35 33.66
C LEU C 4 -2.51 8.78 32.61
N GLU C 5 -3.77 8.91 33.00
CA GLU C 5 -4.80 9.36 32.07
C GLU C 5 -4.51 10.77 31.57
N GLU C 6 -4.35 11.71 32.50
CA GLU C 6 -4.08 13.09 32.12
C GLU C 6 -2.79 13.19 31.30
N ILE C 7 -1.80 12.38 31.64
CA ILE C 7 -0.55 12.38 30.87
C ILE C 7 -0.80 11.91 29.44
N ALA C 8 -1.52 10.80 29.29
CA ALA C 8 -1.86 10.32 27.95
C ALA C 8 -2.64 11.37 27.17
N GLN C 9 -3.54 12.09 27.85
CA GLN C 9 -4.29 13.14 27.19
C GLN C 9 -3.36 14.25 26.68
N GLY C 10 -2.48 14.74 27.55
CA GLY C 10 -1.51 15.74 27.13
C GLY C 10 -0.67 15.27 25.95
N LEU C 11 -0.30 13.99 25.95
CA LEU C 11 0.47 13.45 24.83
C LEU C 11 -0.34 13.52 23.54
N GLU C 12 -1.64 13.26 23.62
CA GLU C 12 -2.47 13.31 22.42
C GLU C 12 -2.62 14.74 21.91
N GLU C 13 -2.83 15.69 22.82
CA GLU C 13 -2.91 17.09 22.42
C GLU C 13 -1.63 17.55 21.75
N ILE C 14 -0.48 17.13 22.30
CA ILE C 14 0.80 17.46 21.67
C ILE C 14 0.85 16.92 20.25
N ALA C 15 0.42 15.66 20.07
CA ALA C 15 0.40 15.06 18.73
C ALA C 15 -0.39 15.92 17.76
N LYS C 16 -1.58 16.38 18.18
CA LYS C 16 -2.38 17.23 17.31
C LYS C 16 -1.65 18.53 16.97
N GLY C 17 -0.98 19.12 17.96
CA GLY C 17 -0.20 20.32 17.68
C GLY C 17 0.94 20.07 16.72
N LEU C 18 1.59 18.90 16.84
CA LEU C 18 2.67 18.57 15.91
C LEU C 18 2.16 18.47 14.48
N LYS C 19 0.96 17.91 14.29
CA LYS C 19 0.40 17.82 12.95
C LYS C 19 0.11 19.21 12.39
N LYS C 20 -0.37 20.12 13.24
CA LYS C 20 -0.59 21.49 12.80
C LYS C 20 0.71 22.13 12.34
N ILE C 21 1.78 21.98 13.12
CA ILE C 21 3.07 22.54 12.74
C ILE C 21 3.52 21.97 11.41
N ALA C 22 3.33 20.65 11.21
CA ALA C 22 3.75 20.02 9.97
C ALA C 22 3.03 20.64 8.77
N TRP C 23 1.72 20.84 8.88
CA TRP C 23 0.98 21.46 7.78
C TRP C 23 1.47 22.88 7.52
N GLY C 24 1.80 23.62 8.58
CA GLY C 24 2.37 24.95 8.39
C GLY C 24 3.70 24.91 7.66
N LEU C 25 4.57 23.97 8.04
CA LEU C 25 5.87 23.86 7.39
C LEU C 25 5.71 23.46 5.93
N LYS C 26 4.72 22.61 5.62
CA LYS C 26 4.50 22.21 4.25
C LYS C 26 4.08 23.40 3.39
N LYS C 27 3.20 24.26 3.93
CA LYS C 27 2.79 25.45 3.19
C LYS C 27 3.97 26.37 2.95
N ILE C 28 4.74 26.66 4.01
CA ILE C 28 5.91 27.52 3.86
C ILE C 28 6.87 26.94 2.82
N ALA C 29 6.98 25.61 2.77
CA ALA C 29 7.83 24.98 1.77
C ALA C 29 7.35 25.30 0.36
N GLN C 30 6.04 25.50 0.19
CA GLN C 30 5.49 25.84 -1.11
C GLN C 30 5.37 27.35 -1.26
C GLY D 2 -0.76 -19.78 15.24
N GLY D 3 -1.74 -20.70 15.26
CA GLY D 3 -2.82 -20.62 14.29
C GLY D 3 -3.44 -19.24 14.22
N LEU D 4 -3.75 -18.66 15.39
CA LEU D 4 -4.35 -17.33 15.41
C LEU D 4 -3.40 -16.28 14.85
N GLU D 5 -2.10 -16.43 15.13
CA GLU D 5 -1.12 -15.50 14.57
C GLU D 5 -1.04 -15.61 13.06
N GLU D 6 -1.19 -16.82 12.53
CA GLU D 6 -1.17 -16.99 11.08
C GLU D 6 -2.36 -16.30 10.43
N ILE D 7 -3.55 -16.42 11.03
CA ILE D 7 -4.72 -15.72 10.51
C ILE D 7 -4.44 -14.22 10.46
N ALA D 8 -3.87 -13.68 11.53
CA ALA D 8 -3.57 -12.25 11.58
C ALA D 8 -2.63 -11.86 10.45
N GLN D 9 -1.56 -12.63 10.25
CA GLN D 9 -0.65 -12.36 9.14
C GLN D 9 -1.39 -12.42 7.81
N GLY D 10 -2.30 -13.39 7.66
CA GLY D 10 -3.09 -13.45 6.44
C GLY D 10 -3.96 -12.22 6.25
N LEU D 11 -4.62 -11.77 7.32
CA LEU D 11 -5.41 -10.56 7.22
C LEU D 11 -4.56 -9.35 6.84
N GLU D 12 -3.31 -9.32 7.30
CA GLU D 12 -2.43 -8.21 6.95
C GLU D 12 -2.03 -8.26 5.49
N GLU D 13 -1.84 -9.47 4.95
CA GLU D 13 -1.54 -9.61 3.53
C GLU D 13 -2.73 -9.23 2.67
N ILE D 14 -3.94 -9.61 3.10
CA ILE D 14 -5.14 -9.16 2.40
C ILE D 14 -5.18 -7.63 2.37
N ALA D 15 -4.82 -7.00 3.50
CA ALA D 15 -4.82 -5.54 3.55
C ALA D 15 -3.88 -4.96 2.51
N LYS D 16 -2.66 -5.51 2.42
CA LYS D 16 -1.72 -5.04 1.41
C LYS D 16 -2.28 -5.22 0.01
N GLY D 17 -2.89 -6.40 -0.26
CA GLY D 17 -3.49 -6.62 -1.56
C GLY D 17 -4.58 -5.62 -1.87
N LEU D 18 -5.44 -5.33 -0.89
CA LEU D 18 -6.49 -4.35 -1.09
C LEU D 18 -5.92 -2.98 -1.45
N LYS D 19 -4.85 -2.58 -0.75
CA LYS D 19 -4.21 -1.29 -1.05
C LYS D 19 -3.67 -1.27 -2.48
N LYS D 20 -3.12 -2.39 -2.94
CA LYS D 20 -2.64 -2.44 -4.32
C LYS D 20 -3.79 -2.32 -5.30
N ILE D 21 -4.91 -3.02 -5.03
CA ILE D 21 -6.08 -2.88 -5.88
C ILE D 21 -6.56 -1.43 -5.88
N ALA D 22 -6.59 -0.79 -4.71
CA ALA D 22 -7.00 0.61 -4.63
C ALA D 22 -6.18 1.48 -5.57
N TRP D 23 -4.86 1.27 -5.59
CA TRP D 23 -4.00 2.04 -6.49
C TRP D 23 -4.38 1.81 -7.95
N GLY D 24 -4.61 0.55 -8.33
CA GLY D 24 -4.99 0.26 -9.70
C GLY D 24 -6.28 0.96 -10.10
N LEU D 25 -7.29 0.93 -9.22
CA LEU D 25 -8.53 1.64 -9.51
C LEU D 25 -8.29 3.14 -9.62
N LYS D 26 -7.51 3.70 -8.70
CA LYS D 26 -7.23 5.14 -8.73
C LYS D 26 -6.61 5.54 -10.07
N LYS D 27 -5.70 4.72 -10.59
CA LYS D 27 -5.11 5.02 -11.90
C LYS D 27 -6.15 4.94 -13.00
N ILE D 28 -6.97 3.89 -13.00
CA ILE D 28 -8.04 3.77 -13.99
C ILE D 28 -8.94 4.98 -13.91
N ALA D 29 -9.24 5.46 -12.69
CA ALA D 29 -10.09 6.63 -12.54
C ALA D 29 -9.50 7.86 -13.23
N GLN D 30 -8.18 7.94 -13.30
CA GLN D 30 -7.49 9.06 -13.95
C GLN D 30 -7.10 8.74 -15.38
N GLY D 31 -7.70 7.71 -15.98
CA GLY D 31 -7.39 7.34 -17.34
C GLY D 31 -6.52 6.11 -17.42
N GLY E 2 -3.32 -15.69 -22.43
CA GLY E 2 -4.44 -15.18 -21.57
C GLY E 2 -4.15 -15.30 -20.09
N GLY E 3 -3.46 -14.30 -19.54
CA GLY E 3 -3.10 -14.31 -18.13
C GLY E 3 -4.26 -13.96 -17.23
N LEU E 4 -5.12 -13.04 -17.68
CA LEU E 4 -6.29 -12.68 -16.89
C LEU E 4 -7.25 -13.86 -16.75
N GLU E 5 -7.47 -14.59 -17.84
CA GLU E 5 -8.37 -15.75 -17.78
C GLU E 5 -7.87 -16.78 -16.78
N GLU E 6 -6.55 -16.97 -16.70
CA GLU E 6 -6.00 -17.97 -15.78
C GLU E 6 -6.10 -17.50 -14.34
N ILE E 7 -5.88 -16.21 -14.08
CA ILE E 7 -6.09 -15.69 -12.74
C ILE E 7 -7.55 -15.86 -12.34
N ALA E 8 -8.47 -15.56 -13.25
CA ALA E 8 -9.88 -15.79 -12.97
C ALA E 8 -10.13 -17.24 -12.59
N GLN E 9 -9.63 -18.19 -13.40
CA GLN E 9 -9.83 -19.60 -13.10
C GLN E 9 -9.22 -19.97 -11.75
N GLY E 10 -8.07 -19.40 -11.43
CA GLY E 10 -7.46 -19.68 -10.13
C GLY E 10 -8.30 -19.16 -8.98
N LEU E 11 -8.91 -17.98 -9.15
CA LEU E 11 -9.79 -17.45 -8.12
C LEU E 11 -11.01 -18.35 -7.93
N GLU E 12 -11.57 -18.88 -9.03
CA GLU E 12 -12.69 -19.80 -8.92
C GLU E 12 -12.29 -21.06 -8.17
N GLU E 13 -11.09 -21.57 -8.43
CA GLU E 13 -10.64 -22.78 -7.74
C GLU E 13 -10.45 -22.52 -6.26
N ILE E 14 -9.94 -21.33 -5.90
CA ILE E 14 -9.83 -20.97 -4.50
C ILE E 14 -11.20 -20.85 -3.87
N ALA E 15 -12.13 -20.20 -4.57
CA ALA E 15 -13.51 -20.11 -4.08
C ALA E 15 -14.07 -21.49 -3.76
N LYS E 16 -13.96 -22.42 -4.72
CA LYS E 16 -14.43 -23.78 -4.48
C LYS E 16 -13.75 -24.38 -3.26
N GLY E 17 -12.45 -24.18 -3.12
CA GLY E 17 -11.74 -24.71 -1.96
C GLY E 17 -12.24 -24.12 -0.65
N LEU E 18 -12.47 -22.80 -0.63
CA LEU E 18 -13.00 -22.18 0.58
C LEU E 18 -14.37 -22.74 0.95
N LYS E 19 -15.24 -22.93 -0.04
CA LYS E 19 -16.54 -23.52 0.23
C LYS E 19 -16.40 -24.90 0.87
N LYS E 20 -15.44 -25.70 0.40
CA LYS E 20 -15.24 -27.01 0.99
C LYS E 20 -14.75 -26.89 2.43
N ILE E 21 -13.86 -25.93 2.71
CA ILE E 21 -13.43 -25.72 4.08
C ILE E 21 -14.60 -25.25 4.94
N ALA E 22 -15.43 -24.37 4.39
CA ALA E 22 -16.63 -23.93 5.11
C ALA E 22 -17.52 -25.12 5.46
N TRP E 23 -17.71 -26.04 4.51
CA TRP E 23 -18.49 -27.24 4.79
C TRP E 23 -17.86 -28.03 5.93
N GLY E 24 -16.54 -28.14 5.95
CA GLY E 24 -15.88 -28.90 7.00
C GLY E 24 -16.04 -28.25 8.36
N LEU E 25 -15.87 -26.93 8.44
CA LEU E 25 -16.05 -26.23 9.71
C LEU E 25 -17.49 -26.33 10.18
N LYS E 26 -18.46 -26.22 9.26
CA LYS E 26 -19.85 -26.37 9.64
C LYS E 26 -20.11 -27.73 10.27
N LYS E 27 -19.41 -28.76 9.81
CA LYS E 27 -19.57 -30.09 10.42
C LYS E 27 -18.99 -30.11 11.83
N ILE E 28 -17.87 -29.43 12.05
CA ILE E 28 -17.30 -29.36 13.39
C ILE E 28 -18.29 -28.73 14.35
N ALA E 29 -19.15 -27.84 13.87
CA ALA E 29 -20.19 -27.24 14.69
C ALA E 29 -21.37 -28.18 14.94
N GLN E 30 -21.30 -29.43 14.49
CA GLN E 30 -22.37 -30.38 14.70
C GLN E 30 -23.65 -29.92 14.01
N GLY F 2 -1.90 1.78 -16.52
CA GLY F 2 -3.37 1.56 -16.61
C GLY F 2 -4.00 1.20 -15.29
N GLY F 3 -3.38 0.26 -14.57
CA GLY F 3 -3.87 -0.20 -13.29
C GLY F 3 -4.26 -1.65 -13.24
N LEU F 4 -4.36 -2.33 -14.39
CA LEU F 4 -4.76 -3.74 -14.39
C LEU F 4 -3.70 -4.61 -13.72
N GLU F 5 -2.43 -4.29 -13.93
CA GLU F 5 -1.36 -5.05 -13.27
C GLU F 5 -1.48 -4.95 -11.75
N GLU F 6 -1.74 -3.74 -11.24
CA GLU F 6 -1.93 -3.56 -9.80
C GLU F 6 -3.06 -4.45 -9.28
N ILE F 7 -4.19 -4.46 -9.99
CA ILE F 7 -5.34 -5.22 -9.51
C ILE F 7 -5.02 -6.71 -9.49
N ALA F 8 -4.38 -7.21 -10.55
CA ALA F 8 -4.00 -8.62 -10.58
C ALA F 8 -3.02 -8.95 -9.46
N GLN F 9 -2.03 -8.08 -9.24
CA GLN F 9 -1.08 -8.30 -8.15
C GLN F 9 -1.78 -8.33 -6.80
N GLY F 10 -2.68 -7.36 -6.58
CA GLY F 10 -3.39 -7.31 -5.31
C GLY F 10 -4.25 -8.54 -5.06
N LEU F 11 -4.93 -9.01 -6.11
CA LEU F 11 -5.75 -10.21 -5.98
C LEU F 11 -4.90 -11.42 -5.59
N GLU F 12 -3.67 -11.51 -6.08
CA GLU F 12 -2.80 -12.60 -5.68
C GLU F 12 -2.43 -12.49 -4.20
N GLU F 13 -2.12 -11.28 -3.74
CA GLU F 13 -1.86 -11.07 -2.31
C GLU F 13 -3.07 -11.48 -1.48
N ILE F 14 -4.26 -11.04 -1.87
CA ILE F 14 -5.47 -11.44 -1.16
C ILE F 14 -5.58 -12.96 -1.11
N ALA F 15 -5.43 -13.60 -2.26
CA ALA F 15 -5.51 -15.06 -2.31
C ALA F 15 -4.47 -15.69 -1.37
N LYS F 16 -3.24 -15.16 -1.37
CA LYS F 16 -2.22 -15.69 -0.48
C LYS F 16 -2.61 -15.50 0.98
N GLY F 17 -3.20 -14.35 1.30
CA GLY F 17 -3.67 -14.13 2.67
C GLY F 17 -4.81 -15.05 3.05
N LEU F 18 -5.69 -15.36 2.09
CA LEU F 18 -6.76 -16.31 2.35
C LEU F 18 -6.22 -17.70 2.62
N LYS F 19 -5.18 -18.10 1.88
CA LYS F 19 -4.53 -19.38 2.16
C LYS F 19 -4.07 -19.44 3.61
N LYS F 20 -3.31 -18.42 4.05
CA LYS F 20 -2.83 -18.42 5.42
C LYS F 20 -3.99 -18.49 6.41
N ILE F 21 -5.07 -17.73 6.15
CA ILE F 21 -6.23 -17.80 7.03
C ILE F 21 -6.80 -19.21 7.04
N ALA F 22 -6.84 -19.86 5.87
CA ALA F 22 -7.39 -21.21 5.80
C ALA F 22 -6.57 -22.19 6.61
N TRP F 23 -5.25 -22.15 6.47
CA TRP F 23 -4.39 -23.06 7.23
C TRP F 23 -4.42 -22.72 8.71
N GLY F 24 -4.50 -21.44 9.04
CA GLY F 24 -4.61 -21.06 10.44
C GLY F 24 -5.86 -21.63 11.09
N LEU F 25 -7.00 -21.54 10.40
CA LEU F 25 -8.22 -22.13 10.92
C LEU F 25 -8.08 -23.64 11.07
N LYS F 26 -7.47 -24.30 10.08
CA LYS F 26 -7.24 -25.74 10.18
C LYS F 26 -6.44 -26.08 11.43
N LYS F 27 -5.40 -25.31 11.72
CA LYS F 27 -4.60 -25.56 12.92
C LYS F 27 -5.43 -25.38 14.19
N ILE F 28 -6.40 -24.46 14.17
CA ILE F 28 -7.26 -24.27 15.33
C ILE F 28 -8.27 -25.39 15.44
N ALA F 29 -8.82 -25.84 14.31
CA ALA F 29 -9.77 -26.94 14.33
C ALA F 29 -9.12 -28.22 14.85
N GLN F 30 -7.83 -28.39 14.61
CA GLN F 30 -7.12 -29.57 15.07
C GLN F 30 -6.54 -29.34 16.47
N LEU G 4 -13.01 -32.94 8.46
CA LEU G 4 -11.57 -32.82 8.29
C LEU G 4 -11.15 -33.17 6.87
N GLU G 5 -11.76 -34.23 6.32
CA GLU G 5 -11.45 -34.63 4.96
C GLU G 5 -11.79 -33.52 3.97
N GLU G 6 -12.93 -32.86 4.16
CA GLU G 6 -13.32 -31.78 3.26
C GLU G 6 -12.42 -30.57 3.39
N ILE G 7 -11.86 -30.35 4.58
CA ILE G 7 -10.93 -29.24 4.75
C ILE G 7 -9.63 -29.50 4.00
N ALA G 8 -9.14 -30.75 4.04
CA ALA G 8 -7.94 -31.10 3.31
C ALA G 8 -8.12 -30.88 1.81
N GLN G 9 -9.26 -31.30 1.26
CA GLN G 9 -9.53 -31.10 -0.15
C GLN G 9 -9.55 -29.62 -0.49
N GLY G 10 -10.17 -28.80 0.36
CA GLY G 10 -10.23 -27.37 0.09
C GLY G 10 -8.86 -26.72 0.10
N LEU G 11 -8.00 -27.13 1.04
CA LEU G 11 -6.64 -26.61 1.06
C LEU G 11 -5.89 -26.98 -0.20
N GLU G 12 -6.15 -28.18 -0.73
CA GLU G 12 -5.53 -28.58 -1.99
C GLU G 12 -6.03 -27.71 -3.14
N GLU G 13 -7.34 -27.46 -3.20
CA GLU G 13 -7.87 -26.62 -4.27
C GLU G 13 -7.31 -25.22 -4.21
N ILE G 14 -7.05 -24.70 -3.00
CA ILE G 14 -6.49 -23.36 -2.87
C ILE G 14 -5.08 -23.32 -3.42
N ALA G 15 -4.26 -24.34 -3.13
CA ALA G 15 -2.91 -24.39 -3.67
C ALA G 15 -2.92 -24.39 -5.19
N LYS G 16 -3.76 -25.25 -5.78
CA LYS G 16 -3.86 -25.31 -7.23
C LYS G 16 -4.28 -23.95 -7.81
N GLY G 17 -5.17 -23.24 -7.12
CA GLY G 17 -5.60 -21.94 -7.61
C GLY G 17 -4.51 -20.89 -7.52
N LEU G 18 -3.75 -20.89 -6.43
CA LEU G 18 -2.65 -19.94 -6.30
C LEU G 18 -1.61 -20.15 -7.38
N LYS G 19 -1.35 -21.42 -7.74
CA LYS G 19 -0.41 -21.70 -8.82
C LYS G 19 -0.92 -21.12 -10.14
N LYS G 20 -2.21 -21.30 -10.42
CA LYS G 20 -2.77 -20.75 -11.65
C LYS G 20 -2.64 -19.23 -11.67
N ILE G 21 -2.88 -18.57 -10.53
CA ILE G 21 -2.73 -17.12 -10.47
C ILE G 21 -1.29 -16.72 -10.72
N ALA G 22 -0.34 -17.45 -10.11
CA ALA G 22 1.07 -17.14 -10.33
C ALA G 22 1.43 -17.21 -11.80
N TRP G 23 0.99 -18.27 -12.49
CA TRP G 23 1.29 -18.39 -13.91
C TRP G 23 0.59 -17.30 -14.72
N GLY G 24 -0.62 -16.91 -14.31
CA GLY G 24 -1.32 -15.84 -15.01
C GLY G 24 -0.61 -14.51 -14.89
N LEU G 25 -0.05 -14.22 -13.71
CA LEU G 25 0.68 -12.97 -13.54
C LEU G 25 1.94 -12.95 -14.38
N LYS G 26 2.63 -14.08 -14.50
CA LYS G 26 3.80 -14.16 -15.35
C LYS G 26 3.42 -13.90 -16.80
N LYS G 27 2.29 -14.45 -17.25
CA LYS G 27 1.83 -14.20 -18.61
C LYS G 27 1.51 -12.72 -18.82
N ILE G 28 0.93 -12.07 -17.80
CA ILE G 28 0.64 -10.65 -17.90
C ILE G 28 1.94 -9.86 -18.09
N ALA G 29 2.98 -10.22 -17.33
CA ALA G 29 4.27 -9.54 -17.40
C ALA G 29 5.19 -10.15 -18.45
N GLN G 30 4.64 -10.59 -19.58
CA GLN G 30 5.45 -11.18 -20.64
C GLN G 30 4.60 -11.45 -21.88
N GLY H 3 -16.54 -5.00 -16.37
CA GLY H 3 -15.85 -5.92 -15.48
C GLY H 3 -15.45 -5.27 -14.16
N LEU H 4 -15.11 -3.99 -14.21
CA LEU H 4 -14.72 -3.29 -12.99
C LEU H 4 -15.85 -3.30 -11.96
N GLU H 5 -17.10 -3.15 -12.42
CA GLU H 5 -18.23 -3.21 -11.50
C GLU H 5 -18.26 -4.56 -10.78
N GLU H 6 -18.14 -5.66 -11.52
CA GLU H 6 -18.15 -6.97 -10.90
C GLU H 6 -17.01 -7.13 -9.90
N ILE H 7 -15.82 -6.62 -10.25
CA ILE H 7 -14.68 -6.74 -9.35
C ILE H 7 -14.93 -5.97 -8.06
N ALA H 8 -15.51 -4.78 -8.17
CA ALA H 8 -15.86 -4.02 -6.97
C ALA H 8 -16.88 -4.77 -6.13
N GLN H 9 -17.92 -5.30 -6.76
CA GLN H 9 -18.94 -6.05 -6.02
C GLN H 9 -18.32 -7.25 -5.31
N GLY H 10 -17.45 -7.98 -6.00
CA GLY H 10 -16.82 -9.13 -5.37
C GLY H 10 -15.96 -8.74 -4.17
N LEU H 11 -15.21 -7.64 -4.30
CA LEU H 11 -14.41 -7.17 -3.18
C LEU H 11 -15.28 -6.74 -2.01
N GLU H 12 -16.43 -6.13 -2.30
CA GLU H 12 -17.40 -5.83 -1.24
C GLU H 12 -17.81 -7.11 -0.52
N GLU H 13 -18.12 -8.16 -1.28
CA GLU H 13 -18.50 -9.43 -0.67
C GLU H 13 -17.36 -10.02 0.16
N ILE H 14 -16.13 -9.93 -0.34
CA ILE H 14 -14.99 -10.45 0.42
C ILE H 14 -14.88 -9.71 1.75
N ALA H 15 -14.95 -8.38 1.70
CA ALA H 15 -14.87 -7.59 2.93
C ALA H 15 -15.96 -8.02 3.92
N LYS H 16 -17.18 -8.24 3.43
CA LYS H 16 -18.25 -8.66 4.33
C LYS H 16 -17.95 -10.02 4.93
N GLY H 17 -17.40 -10.93 4.13
CA GLY H 17 -17.04 -12.24 4.66
C GLY H 17 -15.91 -12.16 5.67
N LEU H 18 -14.91 -11.33 5.39
CA LEU H 18 -13.83 -11.14 6.36
C LEU H 18 -14.35 -10.51 7.64
N LYS H 19 -15.37 -9.65 7.53
CA LYS H 19 -16.01 -9.10 8.72
C LYS H 19 -16.63 -10.21 9.56
N LYS H 20 -17.36 -11.11 8.91
CA LYS H 20 -17.98 -12.22 9.65
C LYS H 20 -16.92 -13.11 10.29
N ILE H 21 -15.84 -13.39 9.56
CA ILE H 21 -14.77 -14.22 10.11
C ILE H 21 -14.19 -13.57 11.35
N ALA H 22 -13.80 -12.30 11.25
CA ALA H 22 -13.25 -11.59 12.40
C ALA H 22 -14.19 -11.66 13.59
N TRP H 23 -15.49 -11.44 13.35
CA TRP H 23 -16.45 -11.47 14.45
C TRP H 23 -16.52 -12.86 15.07
N GLY H 24 -16.51 -13.90 14.25
CA GLY H 24 -16.52 -15.26 14.78
C GLY H 24 -15.31 -15.55 15.63
N LEU H 25 -14.12 -15.22 15.12
CA LEU H 25 -12.90 -15.40 15.92
C LEU H 25 -12.99 -14.64 17.23
N LYS H 26 -13.53 -13.42 17.19
CA LYS H 26 -13.71 -12.66 18.42
C LYS H 26 -14.63 -13.38 19.39
N LYS H 27 -15.76 -13.91 18.89
CA LYS H 27 -16.67 -14.65 19.74
C LYS H 27 -16.04 -15.94 20.26
N ILE H 28 -15.07 -16.49 19.52
CA ILE H 28 -14.42 -17.71 19.97
C ILE H 28 -13.47 -17.41 21.13
N ALA H 29 -12.69 -16.34 21.01
CA ALA H 29 -11.77 -15.98 22.08
C ALA H 29 -12.51 -15.63 23.38
N GLN H 30 -13.71 -15.04 23.26
CA GLN H 30 -14.49 -14.68 24.43
C GLN H 30 -15.31 -15.86 24.92
N GLY I 3 16.76 6.70 1.95
CA GLY I 3 17.20 7.63 0.92
C GLY I 3 16.74 7.26 -0.48
N LEU I 4 16.02 6.13 -0.59
CA LEU I 4 15.56 5.68 -1.90
C LEU I 4 14.60 6.68 -2.52
N GLU I 5 13.64 7.18 -1.73
CA GLU I 5 12.72 8.18 -2.24
C GLU I 5 13.46 9.41 -2.74
N GLU I 6 14.54 9.78 -2.04
CA GLU I 6 15.34 10.93 -2.47
C GLU I 6 15.83 10.74 -3.90
N ILE I 7 16.37 9.55 -4.20
CA ILE I 7 16.91 9.29 -5.53
C ILE I 7 15.79 9.30 -6.56
N ALA I 8 14.66 8.66 -6.24
CA ALA I 8 13.53 8.65 -7.17
C ALA I 8 13.08 10.07 -7.49
N GLN I 9 12.89 10.89 -6.46
CA GLN I 9 12.52 12.28 -6.70
C GLN I 9 13.55 13.00 -7.54
N GLY I 10 14.83 12.81 -7.22
CA GLY I 10 15.88 13.44 -8.01
C GLY I 10 15.85 13.00 -9.46
N LEU I 11 15.62 11.70 -9.70
CA LEU I 11 15.54 11.21 -11.07
C LEU I 11 14.37 11.83 -11.82
N GLU I 12 13.24 12.03 -11.12
CA GLU I 12 12.12 12.70 -11.76
C GLU I 12 12.51 14.10 -12.21
N GLU I 13 13.16 14.86 -11.33
CA GLU I 13 13.56 16.21 -11.69
C GLU I 13 14.55 16.20 -12.86
N ILE I 14 15.46 15.22 -12.88
CA ILE I 14 16.40 15.10 -13.99
C ILE I 14 15.65 14.82 -15.29
N ALA I 15 14.73 13.85 -15.25
CA ALA I 15 13.93 13.54 -16.42
C ALA I 15 13.18 14.77 -16.91
N LYS I 16 12.54 15.50 -15.99
CA LYS I 16 11.80 16.69 -16.39
C LYS I 16 12.72 17.73 -17.02
N GLY I 17 13.91 17.92 -16.44
CA GLY I 17 14.86 18.86 -17.03
C GLY I 17 15.31 18.43 -18.42
N LEU I 18 15.50 17.12 -18.61
CA LEU I 18 15.87 16.62 -19.93
C LEU I 18 14.75 16.82 -20.94
N LYS I 19 13.49 16.71 -20.49
CA LYS I 19 12.37 17.02 -21.38
C LYS I 19 12.45 18.48 -21.84
N LYS I 20 12.74 19.40 -20.93
CA LYS I 20 12.85 20.80 -21.30
C LYS I 20 14.00 21.02 -22.29
N ILE I 21 15.15 20.42 -22.01
CA ILE I 21 16.28 20.54 -22.93
C ILE I 21 15.92 19.98 -24.29
N ALA I 22 15.27 18.82 -24.30
CA ALA I 22 14.85 18.22 -25.57
C ALA I 22 13.88 19.14 -26.31
N TRP I 23 13.08 19.91 -25.57
CA TRP I 23 12.13 20.83 -26.21
C TRP I 23 12.84 22.07 -26.74
N GLY I 24 13.73 22.66 -25.93
CA GLY I 24 14.49 23.80 -26.40
C GLY I 24 15.31 23.48 -27.63
N LEU I 25 15.96 22.30 -27.63
CA LEU I 25 16.72 21.89 -28.81
C LEU I 25 15.84 21.82 -30.05
N LYS I 26 14.62 21.29 -29.90
CA LYS I 26 13.69 21.22 -31.02
C LYS I 26 13.42 22.61 -31.58
N LYS I 27 13.15 23.58 -30.71
CA LYS I 27 12.92 24.94 -31.15
C LYS I 27 14.10 25.48 -31.94
N ILE I 28 15.32 25.09 -31.56
CA ILE I 28 16.51 25.53 -32.30
C ILE I 28 16.46 25.01 -33.73
N ALA I 29 16.08 23.76 -33.90
CA ALA I 29 15.98 23.17 -35.24
C ALA I 29 14.80 23.74 -36.00
C GLY J 3 26.15 19.85 -31.45
N LEU J 4 25.37 19.54 -32.49
CA LEU J 4 24.22 18.65 -32.30
C LEU J 4 24.65 17.20 -32.13
N GLU J 5 25.79 16.82 -32.73
CA GLU J 5 26.25 15.43 -32.60
C GLU J 5 26.62 15.11 -31.17
N GLU J 6 27.36 16.01 -30.51
CA GLU J 6 27.77 15.75 -29.13
C GLU J 6 26.56 15.59 -28.22
N ILE J 7 25.53 16.42 -28.41
CA ILE J 7 24.34 16.33 -27.58
C ILE J 7 23.67 14.97 -27.76
N ALA J 8 23.47 14.57 -29.01
CA ALA J 8 22.85 13.27 -29.27
C ALA J 8 23.63 12.14 -28.60
N GLN J 9 24.97 12.18 -28.69
CA GLN J 9 25.77 11.17 -28.01
C GLN J 9 25.56 11.22 -26.50
N GLY J 10 25.48 12.42 -25.93
CA GLY J 10 25.26 12.54 -24.51
C GLY J 10 23.91 11.98 -24.09
N LEU J 11 22.86 12.33 -24.83
CA LEU J 11 21.53 11.80 -24.53
C LEU J 11 21.52 10.27 -24.56
N GLU J 12 22.31 9.68 -25.47
CA GLU J 12 22.39 8.22 -25.53
C GLU J 12 23.09 7.66 -24.30
N GLU J 13 24.12 8.35 -23.82
CA GLU J 13 24.77 7.94 -22.58
C GLU J 13 23.80 8.02 -21.41
N ILE J 14 23.03 9.11 -21.33
CA ILE J 14 22.02 9.23 -20.28
C ILE J 14 21.02 8.08 -20.38
N ALA J 15 20.61 7.73 -21.59
CA ALA J 15 19.67 6.62 -21.77
C ALA J 15 20.24 5.33 -21.19
N LYS J 16 21.49 5.00 -21.53
CA LYS J 16 22.12 3.82 -20.96
C LYS J 16 22.19 3.91 -19.44
N GLY J 17 22.49 5.10 -18.92
CA GLY J 17 22.56 5.26 -17.47
C GLY J 17 21.23 5.01 -16.79
N LEU J 18 20.15 5.55 -17.35
CA LEU J 18 18.83 5.32 -16.79
C LEU J 18 18.51 3.83 -16.78
N LYS J 19 18.84 3.12 -17.87
CA LYS J 19 18.59 1.68 -17.92
C LYS J 19 19.30 0.96 -16.77
N LYS J 20 20.53 1.39 -16.45
CA LYS J 20 21.25 0.78 -15.34
C LYS J 20 20.53 1.06 -14.02
N ILE J 21 20.14 2.31 -13.80
CA ILE J 21 19.41 2.66 -12.57
C ILE J 21 18.14 1.83 -12.45
N ALA J 22 17.45 1.63 -13.58
CA ALA J 22 16.23 0.82 -13.54
C ALA J 22 16.51 -0.59 -13.06
N TRP J 23 17.59 -1.21 -13.55
CA TRP J 23 17.94 -2.55 -13.09
C TRP J 23 18.35 -2.53 -11.62
N GLY J 24 19.04 -1.48 -11.19
CA GLY J 24 19.38 -1.36 -9.77
C GLY J 24 18.13 -1.23 -8.91
N LEU J 25 17.20 -0.38 -9.32
CA LEU J 25 15.95 -0.23 -8.56
C LEU J 25 15.20 -1.56 -8.52
N LYS J 26 15.14 -2.28 -9.64
CA LYS J 26 14.48 -3.58 -9.65
C LYS J 26 15.14 -4.54 -8.68
N LYS J 27 16.48 -4.50 -8.59
CA LYS J 27 17.18 -5.34 -7.63
C LYS J 27 16.85 -4.93 -6.20
N ILE J 28 16.89 -3.63 -5.92
CA ILE J 28 16.60 -3.15 -4.56
C ILE J 28 15.19 -3.56 -4.15
N ALA J 29 14.25 -3.54 -5.08
CA ALA J 29 12.87 -3.92 -4.76
C ALA J 29 12.78 -5.35 -4.25
N GLN J 30 13.81 -6.16 -4.45
CA GLN J 30 13.84 -7.53 -3.96
C GLN J 30 12.68 -8.34 -4.54
N GLY K 2 5.76 -2.27 -5.20
CA GLY K 2 5.41 -1.97 -6.63
C GLY K 2 5.68 -0.53 -7.01
N GLY K 3 6.27 0.24 -6.09
CA GLY K 3 6.59 1.62 -6.34
C GLY K 3 7.91 1.79 -7.07
N LEU K 4 8.94 1.10 -6.59
CA LEU K 4 10.25 1.18 -7.25
C LEU K 4 10.20 0.54 -8.63
N GLU K 5 9.44 -0.54 -8.78
CA GLU K 5 9.31 -1.19 -10.08
C GLU K 5 8.68 -0.26 -11.10
N GLU K 6 7.70 0.56 -10.67
CA GLU K 6 7.07 1.48 -11.60
C GLU K 6 8.01 2.62 -11.97
N ILE K 7 8.83 3.07 -11.03
CA ILE K 7 9.84 4.07 -11.36
C ILE K 7 10.85 3.49 -12.34
N ALA K 8 11.30 2.27 -12.08
CA ALA K 8 12.23 1.62 -13.01
C ALA K 8 11.65 1.56 -14.42
N GLN K 9 10.35 1.26 -14.54
CA GLN K 9 9.72 1.24 -15.85
C GLN K 9 9.64 2.63 -16.45
N GLY K 10 9.43 3.65 -15.62
CA GLY K 10 9.42 5.01 -16.13
C GLY K 10 10.75 5.42 -16.69
N LEU K 11 11.83 5.10 -15.98
CA LEU K 11 13.17 5.45 -16.46
C LEU K 11 13.46 4.77 -17.80
N GLU K 12 13.06 3.50 -17.94
CA GLU K 12 13.27 2.80 -19.21
C GLU K 12 12.50 3.50 -20.34
N GLU K 13 11.25 3.88 -20.08
CA GLU K 13 10.49 4.63 -21.08
C GLU K 13 11.21 5.94 -21.40
N ILE K 14 11.66 6.65 -20.36
CA ILE K 14 12.43 7.87 -20.57
C ILE K 14 13.66 7.58 -21.43
N ALA K 15 14.36 6.48 -21.13
CA ALA K 15 15.53 6.11 -21.92
C ALA K 15 15.17 5.95 -23.40
N LYS K 16 14.06 5.25 -23.68
CA LYS K 16 13.65 5.06 -25.06
C LYS K 16 13.34 6.40 -25.72
N GLY K 17 12.67 7.29 -25.01
CA GLY K 17 12.41 8.61 -25.56
C GLY K 17 13.68 9.36 -25.90
N LEU K 18 14.65 9.37 -24.97
CA LEU K 18 15.90 10.08 -25.23
C LEU K 18 16.62 9.48 -26.44
N LYS K 19 16.55 8.17 -26.62
CA LYS K 19 17.15 7.55 -27.79
C LYS K 19 16.49 8.02 -29.08
N LYS K 20 15.18 8.29 -29.04
CA LYS K 20 14.51 8.81 -30.22
C LYS K 20 14.90 10.25 -30.50
N ILE K 21 15.16 11.03 -29.45
CA ILE K 21 15.60 12.42 -29.65
C ILE K 21 17.01 12.45 -30.21
N ALA K 22 17.91 11.62 -29.67
CA ALA K 22 19.27 11.56 -30.18
C ALA K 22 19.29 11.28 -31.68
N TRP K 23 18.46 10.35 -32.13
CA TRP K 23 18.38 10.05 -33.55
CA TRP K 23 18.38 10.05 -33.55
C TRP K 23 17.91 11.26 -34.34
C TRP K 23 17.91 11.26 -34.34
N GLY K 24 16.85 11.92 -33.86
CA GLY K 24 16.35 13.09 -34.56
C GLY K 24 17.37 14.21 -34.59
N LEU K 25 18.10 14.41 -33.49
CA LEU K 25 19.14 15.42 -33.48
C LEU K 25 20.24 15.07 -34.47
N LYS K 26 20.60 13.79 -34.58
CA LYS K 26 21.60 13.38 -35.54
C LYS K 26 21.12 13.55 -36.97
N LYS K 27 19.81 13.43 -37.20
CA LYS K 27 19.26 13.62 -38.54
C LYS K 27 19.38 15.09 -38.96
N ILE K 28 18.98 16.01 -38.07
CA ILE K 28 19.11 17.43 -38.39
C ILE K 28 20.56 17.81 -38.64
N ALA K 29 21.49 17.17 -37.93
CA ALA K 29 22.90 17.44 -38.16
C ALA K 29 23.37 16.84 -39.47
N GLN K 30 22.92 15.64 -39.80
CA GLN K 30 23.33 14.97 -41.02
C GLN K 30 22.67 15.64 -42.24
N GLY L 3 -6.80 -7.80 23.32
CA GLY L 3 -6.93 -6.83 22.24
C GLY L 3 -8.31 -6.81 21.63
N LEU L 4 -9.34 -6.86 22.46
CA LEU L 4 -10.71 -6.83 21.96
C LEU L 4 -11.10 -5.44 21.48
N GLU L 5 -10.53 -4.39 22.08
CA GLU L 5 -10.89 -3.04 21.66
C GLU L 5 -10.44 -2.76 20.23
N GLU L 6 -9.28 -3.31 19.83
CA GLU L 6 -8.79 -3.08 18.48
C GLU L 6 -9.60 -3.84 17.45
N ILE L 7 -10.10 -5.02 17.79
CA ILE L 7 -10.95 -5.78 16.87
C ILE L 7 -12.26 -5.04 16.62
N ALA L 8 -12.89 -4.57 17.69
CA ALA L 8 -14.13 -3.81 17.54
C ALA L 8 -13.92 -2.58 16.66
N GLN L 9 -12.81 -1.87 16.86
CA GLN L 9 -12.54 -0.69 16.04
C GLN L 9 -12.32 -1.07 14.59
N GLY L 10 -11.64 -2.19 14.33
CA GLY L 10 -11.44 -2.63 12.97
C GLY L 10 -12.73 -3.04 12.29
N LEU L 11 -13.61 -3.73 13.02
CA LEU L 11 -14.91 -4.08 12.48
C LEU L 11 -15.69 -2.82 12.09
N GLU L 12 -15.54 -1.76 12.87
CA GLU L 12 -16.20 -0.49 12.54
C GLU L 12 -15.56 0.15 11.32
N GLU L 13 -14.23 0.08 11.21
CA GLU L 13 -13.56 0.63 10.04
C GLU L 13 -13.97 -0.11 8.77
N ILE L 14 -14.20 -1.42 8.88
CA ILE L 14 -14.64 -2.19 7.72
C ILE L 14 -16.04 -1.76 7.30
N ALA L 15 -16.96 -1.68 8.26
CA ALA L 15 -18.31 -1.22 7.97
C ALA L 15 -18.28 0.14 7.29
N LYS L 16 -17.43 1.06 7.77
CA LYS L 16 -17.33 2.37 7.15
C LYS L 16 -16.81 2.25 5.72
N GLY L 17 -15.74 1.48 5.53
CA GLY L 17 -15.24 1.26 4.18
C GLY L 17 -16.26 0.58 3.29
N LEU L 18 -17.02 -0.36 3.84
CA LEU L 18 -18.06 -1.02 3.05
C LEU L 18 -19.11 -0.03 2.58
N LYS L 19 -19.34 1.05 3.33
CA LYS L 19 -20.30 2.06 2.88
C LYS L 19 -19.75 2.84 1.68
N LYS L 20 -18.47 3.20 1.72
CA LYS L 20 -17.88 3.95 0.61
C LYS L 20 -17.89 3.14 -0.68
N ILE L 21 -17.76 1.82 -0.59
CA ILE L 21 -17.86 0.99 -1.79
C ILE L 21 -19.29 0.99 -2.32
N ALA L 22 -20.27 0.88 -1.43
CA ALA L 22 -21.66 0.90 -1.85
C ALA L 22 -22.00 2.20 -2.58
N TRP L 23 -21.51 3.33 -2.07
CA TRP L 23 -21.80 4.61 -2.70
C TRP L 23 -21.04 4.76 -4.02
N GLY L 24 -19.81 4.25 -4.08
CA GLY L 24 -19.07 4.30 -5.33
C GLY L 24 -19.71 3.44 -6.41
N LEU L 25 -20.21 2.26 -6.02
CA LEU L 25 -20.95 1.44 -6.98
C LEU L 25 -22.20 2.17 -7.46
N LYS L 26 -22.90 2.85 -6.56
CA LYS L 26 -24.08 3.62 -6.99
C LYS L 26 -23.72 4.69 -7.99
N LYS L 27 -22.61 5.42 -7.74
CA LYS L 27 -22.16 6.42 -8.68
C LYS L 27 -21.93 5.82 -10.07
N ILE L 28 -21.19 4.72 -10.12
CA ILE L 28 -20.92 4.06 -11.41
C ILE L 28 -22.23 3.60 -12.03
N ALA L 29 -23.15 3.07 -11.22
CA ALA L 29 -24.41 2.60 -11.76
C ALA L 29 -25.19 3.72 -12.45
N GLN L 30 -24.98 4.96 -12.01
CA GLN L 30 -25.66 6.11 -12.61
C GLN L 30 -24.73 6.84 -13.58
N GLY M 3 0.16 -2.82 28.09
CA GLY M 3 0.16 -1.80 27.08
C GLY M 3 1.55 -1.33 26.71
N LEU M 4 2.53 -2.23 26.85
CA LEU M 4 3.91 -1.88 26.50
C LEU M 4 4.18 -2.06 25.01
N GLU M 5 3.54 -3.03 24.37
CA GLU M 5 3.74 -3.22 22.94
C GLU M 5 3.42 -1.94 22.17
N GLU M 6 2.35 -1.25 22.55
CA GLU M 6 2.02 0.02 21.90
C GLU M 6 3.03 1.10 22.25
N ILE M 7 3.52 1.10 23.49
CA ILE M 7 4.48 2.11 23.91
C ILE M 7 5.81 1.92 23.20
N ALA M 8 6.23 0.65 23.03
CA ALA M 8 7.47 0.38 22.30
C ALA M 8 7.34 0.81 20.84
N GLN M 9 6.27 0.39 20.18
CA GLN M 9 6.06 0.78 18.79
C GLN M 9 6.01 2.30 18.65
N GLY M 10 5.44 2.99 19.64
CA GLY M 10 5.39 4.44 19.59
C GLY M 10 6.76 5.08 19.76
N LEU M 11 7.56 4.56 20.69
CA LEU M 11 8.92 5.06 20.85
C LEU M 11 9.72 4.86 19.57
N GLU M 12 9.59 3.70 18.94
CA GLU M 12 10.32 3.46 17.70
C GLU M 12 9.90 4.45 16.62
N GLU M 13 8.62 4.80 16.57
CA GLU M 13 8.17 5.77 15.57
C GLU M 13 8.73 7.15 15.86
N ILE M 14 8.86 7.52 17.14
CA ILE M 14 9.43 8.81 17.49
C ILE M 14 10.88 8.89 17.04
N ALA M 15 11.63 7.81 17.24
CA ALA M 15 13.02 7.79 16.79
C ALA M 15 13.11 8.00 15.29
N LYS M 16 12.31 7.25 14.52
CA LYS M 16 12.31 7.43 13.07
C LYS M 16 12.03 8.87 12.69
N GLY M 17 11.06 9.50 13.36
CA GLY M 17 10.73 10.88 13.05
C GLY M 17 11.85 11.84 13.40
N LEU M 18 12.57 11.57 14.49
CA LEU M 18 13.70 12.42 14.86
C LEU M 18 14.77 12.40 13.78
N LYS M 19 15.12 11.20 13.29
CA LYS M 19 16.12 11.10 12.24
C LYS M 19 15.73 11.93 11.02
N LYS M 20 14.45 11.85 10.62
CA LYS M 20 13.99 12.65 9.50
C LYS M 20 14.20 14.13 9.75
N ILE M 21 13.86 14.60 10.95
CA ILE M 21 14.04 16.02 11.28
C ILE M 21 15.52 16.37 11.24
N ALA M 22 16.39 15.48 11.74
CA ALA M 22 17.82 15.73 11.71
C ALA M 22 18.30 15.91 10.28
N TRP M 23 17.86 15.05 9.36
CA TRP M 23 18.29 15.17 7.97
C TRP M 23 17.69 16.39 7.29
N GLY M 24 16.47 16.77 7.67
CA GLY M 24 15.87 17.96 7.11
C GLY M 24 16.60 19.22 7.52
N LEU M 25 17.08 19.27 8.77
CA LEU M 25 17.86 20.42 9.21
C LEU M 25 19.17 20.51 8.43
N LYS M 26 19.86 19.39 8.24
CA LYS M 26 21.08 19.39 7.46
C LYS M 26 20.83 19.91 6.06
N LYS M 27 19.70 19.54 5.46
CA LYS M 27 19.35 20.05 4.14
C LYS M 27 19.15 21.55 4.18
N ILE M 28 18.51 22.06 5.24
CA ILE M 28 18.31 23.49 5.36
C ILE M 28 19.66 24.20 5.45
N ALA M 29 20.58 23.67 6.24
CA ALA M 29 21.92 24.25 6.35
C ALA M 29 22.70 24.01 5.06
N GLN M 30 23.15 22.78 4.85
CA GLN M 30 23.93 22.45 3.66
C GLN M 30 23.07 22.47 2.41
N GLY N 3 13.77 12.91 -37.94
CA GLY N 3 14.12 14.28 -37.59
C GLY N 3 13.18 14.88 -36.56
N LEU N 4 12.49 15.95 -36.95
CA LEU N 4 11.56 16.59 -36.03
C LEU N 4 10.50 15.63 -35.53
N GLU N 5 10.08 14.68 -36.37
CA GLU N 5 9.08 13.70 -35.95
C GLU N 5 9.60 12.86 -34.79
N GLU N 6 10.84 12.36 -34.91
CA GLU N 6 11.41 11.54 -33.86
C GLU N 6 11.48 12.29 -32.53
N ILE N 7 11.88 13.56 -32.58
CA ILE N 7 11.97 14.36 -31.36
C ILE N 7 10.60 14.48 -30.71
N ALA N 8 9.56 14.74 -31.50
CA ALA N 8 8.22 14.82 -30.95
C ALA N 8 7.81 13.50 -30.31
N GLN N 9 8.01 12.39 -31.03
CA GLN N 9 7.68 11.08 -30.47
C GLN N 9 8.47 10.81 -29.20
N GLY N 10 9.76 11.16 -29.19
CA GLY N 10 10.56 10.95 -28.00
C GLY N 10 10.07 11.77 -26.82
N LEU N 11 9.71 13.03 -27.07
CA LEU N 11 9.16 13.86 -25.99
C LEU N 11 7.92 13.23 -25.39
N GLU N 12 7.03 12.70 -26.22
CA GLU N 12 5.84 12.03 -25.71
C GLU N 12 6.23 10.78 -24.91
N GLU N 13 7.25 10.05 -25.39
CA GLU N 13 7.73 8.90 -24.63
C GLU N 13 8.29 9.33 -23.28
N ILE N 14 8.97 10.46 -23.23
CA ILE N 14 9.45 11.00 -21.96
C ILE N 14 8.27 11.37 -21.08
N ALA N 15 7.26 12.04 -21.64
CA ALA N 15 6.09 12.42 -20.86
C ALA N 15 5.37 11.20 -20.32
N LYS N 16 5.36 10.10 -21.08
CA LYS N 16 4.71 8.88 -20.61
C LYS N 16 5.48 8.29 -19.44
N GLY N 17 6.81 8.23 -19.54
CA GLY N 17 7.60 7.70 -18.44
C GLY N 17 7.49 8.54 -17.19
N LEU N 18 7.45 9.87 -17.35
CA LEU N 18 7.33 10.75 -16.19
C LEU N 18 6.07 10.43 -15.39
N LYS N 19 4.97 10.13 -16.09
CA LYS N 19 3.74 9.74 -15.40
C LYS N 19 3.96 8.50 -14.56
N LYS N 20 4.66 7.50 -15.10
CA LYS N 20 4.95 6.29 -14.33
C LYS N 20 5.74 6.61 -13.07
N ILE N 21 6.75 7.48 -13.19
CA ILE N 21 7.54 7.86 -12.02
C ILE N 21 6.66 8.58 -11.00
N ALA N 22 5.84 9.51 -11.47
CA ALA N 22 4.92 10.21 -10.57
C ALA N 22 4.08 9.23 -9.78
N TRP N 23 3.52 8.23 -10.46
CA TRP N 23 2.73 7.22 -9.76
C TRP N 23 3.57 6.42 -8.79
N GLY N 24 4.79 6.03 -9.21
CA GLY N 24 5.67 5.32 -8.31
C GLY N 24 6.00 6.13 -7.07
N LEU N 25 6.29 7.42 -7.24
CA LEU N 25 6.55 8.28 -6.10
C LEU N 25 5.37 8.30 -5.14
N LYS N 26 4.15 8.39 -5.68
CA LYS N 26 2.97 8.38 -4.83
C LYS N 26 2.89 7.07 -4.04
N LYS N 27 3.10 5.94 -4.71
CA LYS N 27 3.10 4.66 -4.02
C LYS N 27 4.14 4.64 -2.91
N ILE N 28 5.36 5.10 -3.22
CA ILE N 28 6.42 5.12 -2.21
C ILE N 28 6.01 5.99 -1.03
N ALA N 29 5.45 7.17 -1.31
CA ALA N 29 5.04 8.09 -0.25
C ALA N 29 3.89 7.55 0.59
N GLN N 30 3.34 6.39 0.26
CA GLN N 30 2.25 5.79 1.03
C GLN N 30 0.97 6.63 0.89
N GLY O 3 -19.10 -19.38 16.98
CA GLY O 3 -18.18 -18.62 16.16
C GLY O 3 -17.72 -19.39 14.92
N LEU O 4 -17.64 -20.71 15.06
CA LEU O 4 -17.21 -21.54 13.94
C LEU O 4 -18.17 -21.43 12.76
N GLU O 5 -19.47 -21.36 13.05
CA GLU O 5 -20.46 -21.24 11.98
C GLU O 5 -20.31 -19.91 11.25
N GLU O 6 -20.16 -18.82 11.99
CA GLU O 6 -20.02 -17.51 11.35
C GLU O 6 -18.77 -17.46 10.49
N ILE O 7 -17.68 -18.08 10.94
CA ILE O 7 -16.47 -18.16 10.12
C ILE O 7 -16.78 -18.88 8.81
N ALA O 8 -17.50 -20.01 8.90
CA ALA O 8 -17.85 -20.74 7.69
C ALA O 8 -18.71 -19.91 6.77
N GLN O 9 -19.69 -19.17 7.32
CA GLN O 9 -20.51 -18.32 6.48
C GLN O 9 -19.68 -17.22 5.83
N GLY O 10 -18.76 -16.62 6.58
CA GLY O 10 -17.88 -15.62 6.00
C GLY O 10 -17.04 -16.18 4.87
N LEU O 11 -16.53 -17.40 5.04
CA LEU O 11 -15.78 -18.04 3.96
C LEU O 11 -16.66 -18.22 2.73
N GLU O 12 -17.90 -18.67 2.92
CA GLU O 12 -18.80 -18.84 1.78
C GLU O 12 -19.03 -17.51 1.07
N GLU O 13 -19.23 -16.44 1.84
CA GLU O 13 -19.43 -15.13 1.22
C GLU O 13 -18.18 -14.71 0.43
N ILE O 14 -16.99 -14.97 0.98
CA ILE O 14 -15.76 -14.71 0.24
C ILE O 14 -15.76 -15.50 -1.06
N ALA O 15 -16.12 -16.78 -1.00
CA ALA O 15 -16.17 -17.59 -2.22
C ALA O 15 -17.06 -16.94 -3.26
N LYS O 16 -18.23 -16.43 -2.84
CA LYS O 16 -19.12 -15.77 -3.79
C LYS O 16 -18.48 -14.53 -4.38
N GLY O 17 -17.76 -13.76 -3.55
CA GLY O 17 -17.08 -12.57 -4.06
C GLY O 17 -15.96 -12.91 -5.03
N LEU O 18 -15.20 -13.96 -4.73
CA LEU O 18 -14.15 -14.39 -5.65
C LEU O 18 -14.72 -14.72 -7.02
N LYS O 19 -15.89 -15.37 -7.05
CA LYS O 19 -16.50 -15.73 -8.33
C LYS O 19 -16.88 -14.49 -9.12
N LYS O 20 -17.43 -13.48 -8.46
CA LYS O 20 -17.76 -12.24 -9.14
C LYS O 20 -16.52 -11.58 -9.71
N ILE O 21 -15.41 -11.59 -8.96
CA ILE O 21 -14.17 -11.00 -9.47
C ILE O 21 -13.72 -11.73 -10.73
N ALA O 22 -13.80 -13.06 -10.73
CA ALA O 22 -13.39 -13.83 -11.91
C ALA O 22 -14.18 -13.42 -13.15
N TRP O 23 -15.50 -13.30 -13.01
CA TRP O 23 -16.33 -12.88 -14.13
C TRP O 23 -15.91 -11.51 -14.64
N GLY O 24 -15.61 -10.58 -13.73
CA GLY O 24 -15.12 -9.28 -14.15
C GLY O 24 -13.79 -9.37 -14.88
N LEU O 25 -12.91 -10.26 -14.44
CA LEU O 25 -11.66 -10.45 -15.14
C LEU O 25 -11.89 -11.04 -16.53
N LYS O 26 -12.80 -12.02 -16.65
CA LYS O 26 -13.12 -12.58 -17.95
C LYS O 26 -13.66 -11.52 -18.89
N LYS O 27 -14.47 -10.58 -18.36
CA LYS O 27 -15.00 -9.51 -19.18
C LYS O 27 -13.87 -8.62 -19.70
N ILE O 28 -12.99 -8.18 -18.81
CA ILE O 28 -11.88 -7.33 -19.22
C ILE O 28 -10.98 -8.04 -20.21
N ALA O 29 -10.82 -9.36 -20.05
CA ALA O 29 -9.96 -10.11 -20.96
C ALA O 29 -10.54 -10.18 -22.36
N GLN O 30 -11.86 -10.12 -22.48
CA GLN O 30 -12.54 -10.16 -23.77
C GLN O 30 -12.71 -8.77 -24.39
N GLY O 31 -11.91 -7.80 -23.94
CA GLY O 31 -12.00 -6.45 -24.47
C GLY O 31 -12.98 -5.59 -23.70
N GLY P 3 15.04 32.97 10.70
CA GLY P 3 13.84 32.71 11.47
C GLY P 3 13.34 31.29 11.32
N LEU P 4 13.04 30.89 10.09
CA LEU P 4 12.58 29.53 9.84
C LEU P 4 13.62 28.52 10.30
N GLU P 5 14.88 28.73 9.94
CA GLU P 5 15.94 27.82 10.35
C GLU P 5 15.99 27.68 11.87
N GLU P 6 15.77 28.78 12.58
CA GLU P 6 15.80 28.72 14.05
C GLU P 6 14.58 28.00 14.59
N ILE P 7 13.40 28.23 14.01
CA ILE P 7 12.21 27.52 14.44
C ILE P 7 12.39 26.03 14.28
N ALA P 8 12.99 25.61 13.16
CA ALA P 8 13.24 24.18 12.94
C ALA P 8 14.15 23.62 14.01
N GLN P 9 15.23 24.35 14.35
CA GLN P 9 16.13 23.89 15.42
C GLN P 9 15.36 23.64 16.70
N GLY P 10 14.53 24.60 17.12
CA GLY P 10 13.80 24.45 18.36
C GLY P 10 12.83 23.29 18.33
N LEU P 11 12.21 23.03 17.17
CA LEU P 11 11.29 21.91 17.06
C LEU P 11 12.03 20.58 17.22
N GLU P 12 13.27 20.51 16.71
CA GLU P 12 14.07 19.31 16.93
C GLU P 12 14.37 19.12 18.41
N GLU P 13 14.81 20.19 19.08
CA GLU P 13 15.03 20.10 20.52
C GLU P 13 13.75 19.65 21.23
N ILE P 14 12.63 20.30 20.94
CA ILE P 14 11.35 19.90 21.54
C ILE P 14 11.11 18.42 21.27
N ALA P 15 11.26 18.01 20.01
CA ALA P 15 11.08 16.60 19.66
C ALA P 15 12.01 15.71 20.48
N LYS P 16 13.28 16.12 20.62
CA LYS P 16 14.21 15.35 21.43
C LYS P 16 13.73 15.26 22.88
N GLY P 17 13.22 16.36 23.42
CA GLY P 17 12.73 16.35 24.78
C GLY P 17 11.47 15.51 24.95
N LEU P 18 10.61 15.49 23.93
CA LEU P 18 9.42 14.65 24.00
C LEU P 18 9.79 13.18 24.00
N LYS P 19 10.89 12.81 23.34
CA LYS P 19 11.34 11.42 23.35
C LYS P 19 11.86 11.03 24.73
N LYS P 20 12.67 11.91 25.34
CA LYS P 20 13.18 11.61 26.67
C LYS P 20 12.06 11.48 27.69
N ILE P 21 11.03 12.33 27.56
CA ILE P 21 9.88 12.23 28.46
C ILE P 21 9.16 10.90 28.23
N ALA P 22 8.99 10.51 26.96
CA ALA P 22 8.33 9.25 26.66
C ALA P 22 9.03 8.08 27.34
N TRP P 23 10.36 8.02 27.21
CA TRP P 23 11.11 6.92 27.83
C TRP P 23 10.96 6.96 29.35
N GLY P 24 11.13 8.15 29.94
CA GLY P 24 10.95 8.27 31.38
C GLY P 24 9.58 7.86 31.84
N LEU P 25 8.56 8.09 31.01
CA LEU P 25 7.21 7.63 31.36
C LEU P 25 7.11 6.11 31.27
N LYS P 26 7.75 5.51 30.27
CA LYS P 26 7.77 4.05 30.18
C LYS P 26 8.39 3.43 31.44
N LYS P 27 9.48 4.03 31.92
CA LYS P 27 10.09 3.54 33.16
C LYS P 27 9.10 3.67 34.32
N ILE P 28 8.47 4.83 34.45
CA ILE P 28 7.47 5.02 35.51
C ILE P 28 6.32 4.04 35.33
N ALA P 29 5.96 3.72 34.08
CA ALA P 29 4.89 2.78 33.84
C ALA P 29 5.23 1.38 34.34
N GLN P 30 6.52 1.07 34.51
CA GLN P 30 6.94 -0.24 35.00
C GLN P 30 7.14 -0.21 36.50
#